data_5DZF
#
_entry.id   5DZF
#
_cell.length_a   74.330
_cell.length_b   74.330
_cell.length_c   149.280
_cell.angle_alpha   90.000
_cell.angle_beta   90.000
_cell.angle_gamma   90.000
#
_symmetry.space_group_name_H-M   'P 43 21 2'
#
loop_
_entity.id
_entity.type
_entity.pdbx_description
1 polymer endo-glucanase
2 branched beta-D-glucopyranose-(1-3)-beta-D-glucopyranose-(1-4)-beta-D-glucopyranose-(1-4)-alpha-D-glucopyranose
3 branched beta-D-glucopyranose-(1-4)-beta-D-glucopyranose-(1-3)-beta-D-glucopyranose-(1-4)-beta-D-glucopyranose-(1-4)-beta-D-glucopyranose-(1-3)-beta-D-glucopyranose-(1-4)-beta-D-glucopyranose-(1-4)-alpha-D-glucopyranose
4 non-polymer 'SULFATE ION'
5 non-polymer beta-D-glucopyranose
6 water water
#
_entity_poly.entity_id   1
_entity_poly.type   'polypeptide(L)'
_entity_poly.pdbx_seq_one_letter_code
;GMADPSLHHEAQPLKFIAVDYCPESCTHSPESSTITLTFDHRGGSRWRSTTRFQYGTFSSLIQCPKGNTSGLNFNIYLSS
LEGDKSQDAIDFEFLGKDKRIVQTNYYTAGTGNREAIHDLGFDCSDGFHEYVIKWGPDLIQWLIDGKVIRSVRADGEGFP
QKPMFLYASVWDASYIDEGRWTGPYVGCDAPYICLYKNVNVPVGTAVE
;
_entity_poly.pdbx_strand_id   A,B
#
# COMPACT_ATOMS: atom_id res chain seq x y z
N GLY A 1 21.51 6.27 54.67
N GLY A 1 20.39 5.67 52.83
CA GLY A 1 21.09 6.38 53.31
CA GLY A 1 21.26 6.59 53.55
C GLY A 1 22.14 7.16 52.58
C GLY A 1 22.22 7.26 52.59
N MET A 2 23.29 6.54 52.27
CA MET A 2 24.28 7.06 51.35
C MET A 2 24.36 6.24 50.07
N ALA A 3 24.71 4.96 50.18
CA ALA A 3 24.83 4.10 48.99
C ALA A 3 23.50 4.03 48.24
N ASP A 4 23.59 4.06 46.91
CA ASP A 4 22.43 3.82 46.04
C ASP A 4 22.07 2.35 46.13
N PRO A 5 20.89 2.05 46.70
CA PRO A 5 20.50 0.65 46.97
C PRO A 5 19.87 -0.02 45.76
N SER A 6 19.64 0.75 44.70
CA SER A 6 18.95 0.26 43.50
C SER A 6 19.64 -0.95 42.90
N LEU A 7 18.85 -1.99 42.61
CA LEU A 7 19.39 -3.21 42.04
C LEU A 7 19.90 -2.96 40.63
N HIS A 8 21.18 -3.22 40.42
CA HIS A 8 21.82 -3.03 39.11
C HIS A 8 22.95 -4.03 38.93
N GLU A 10 22.27 -6.03 35.06
CA GLU A 10 23.29 -6.98 34.64
C GLU A 10 23.44 -7.02 33.12
N ALA A 11 24.55 -6.48 32.63
CA ALA A 11 24.82 -6.49 31.20
C ALA A 11 26.31 -6.54 30.95
N GLN A 12 26.69 -6.96 29.75
CA GLN A 12 28.09 -7.00 29.38
C GLN A 12 28.26 -6.32 28.04
N PRO A 13 29.41 -5.68 27.84
CA PRO A 13 29.68 -5.06 26.54
C PRO A 13 29.71 -6.09 25.42
N LEU A 14 29.07 -5.77 24.31
CA LEU A 14 29.24 -6.56 23.10
C LEU A 14 30.68 -6.41 22.64
N LYS A 15 31.45 -7.48 22.70
CA LYS A 15 32.85 -7.37 22.32
C LYS A 15 33.09 -7.87 20.90
N PHE A 16 32.33 -8.88 20.49
CA PHE A 16 32.55 -9.54 19.21
C PHE A 16 31.42 -9.32 18.21
N ILE A 17 31.77 -8.83 17.02
CA ILE A 17 30.77 -8.61 15.99
C ILE A 17 31.24 -9.14 14.63
N ALA A 18 30.25 -9.34 13.76
CA ALA A 18 30.47 -9.71 12.38
C ALA A 18 29.88 -8.63 11.49
N VAL A 19 30.32 -8.58 10.25
CA VAL A 19 29.76 -7.67 9.27
C VAL A 19 29.27 -8.49 8.06
N ASP A 20 27.98 -8.39 7.76
CA ASP A 20 27.35 -9.27 6.77
C ASP A 20 27.62 -8.88 5.31
N TYR A 21 27.89 -7.60 5.06
CA TYR A 21 28.28 -7.16 3.72
C TYR A 21 28.92 -5.79 3.80
N CYS A 22 29.69 -5.46 2.77
CA CYS A 22 30.32 -4.15 2.61
C CYS A 22 31.04 -3.67 3.88
N PRO A 23 32.06 -4.42 4.33
CA PRO A 23 32.76 -4.05 5.57
C PRO A 23 33.44 -2.67 5.49
N GLU A 24 33.70 -2.21 4.27
CA GLU A 24 34.33 -0.91 4.12
C GLU A 24 33.40 0.21 4.63
N SER A 25 32.11 -0.11 4.81
CA SER A 25 31.15 0.89 5.29
C SER A 25 30.75 0.65 6.76
N CYS A 26 31.59 -0.11 7.46
CA CYS A 26 31.42 -0.30 8.88
C CYS A 26 32.77 -0.10 9.55
N THR A 27 32.81 0.59 10.69
CA THR A 27 34.06 0.67 11.44
C THR A 27 33.83 0.18 12.85
N HIS A 28 34.81 -0.51 13.40
CA HIS A 28 34.74 -0.93 14.77
C HIS A 28 35.96 -0.43 15.51
N SER A 29 35.73 0.34 16.57
CA SER A 29 36.76 0.77 17.48
C SER A 29 36.44 0.22 18.85
N PRO A 30 36.82 -1.04 19.11
CA PRO A 30 36.45 -1.64 20.38
C PRO A 30 37.06 -0.87 21.56
N GLU A 31 38.24 -0.28 21.36
CA GLU A 31 38.92 0.45 22.43
C GLU A 31 38.15 1.70 22.88
N SER A 32 37.30 2.24 22.00
CA SER A 32 36.43 3.35 22.40
C SER A 32 34.96 2.94 22.36
N SER A 33 34.74 1.63 22.28
CA SER A 33 33.41 1.00 22.33
C SER A 33 32.43 1.56 21.31
N THR A 34 32.96 1.88 20.13
CA THR A 34 32.16 2.54 19.12
C THR A 34 32.13 1.77 17.81
N ILE A 35 30.94 1.60 17.27
CA ILE A 35 30.77 1.01 15.94
C ILE A 35 30.10 2.07 15.08
N THR A 36 30.56 2.25 13.85
CA THR A 36 29.81 3.12 12.95
C THR A 36 29.39 2.38 11.67
N LEU A 37 28.27 2.84 11.13
CA LEU A 37 27.76 2.39 9.84
C LEU A 37 27.62 3.60 8.92
N THR A 38 28.02 3.46 7.67
CA THR A 38 27.97 4.55 6.70
C THR A 38 27.09 4.21 5.51
N PHE A 39 26.17 5.11 5.18
CA PHE A 39 25.47 4.98 3.90
C PHE A 39 26.02 5.97 2.88
N ASP A 40 26.33 5.45 1.70
CA ASP A 40 26.78 6.26 0.57
C ASP A 40 26.58 5.41 -0.69
N HIS A 41 27.27 5.74 -1.80
CA HIS A 41 27.12 5.00 -3.07
C HIS A 41 27.31 3.50 -2.90
N ARG A 42 28.06 3.11 -1.88
CA ARG A 42 28.43 1.72 -1.74
C ARG A 42 27.25 0.88 -1.24
N GLY A 43 26.21 1.54 -0.72
CA GLY A 43 24.96 0.85 -0.41
C GLY A 43 24.68 0.45 1.03
N GLY A 44 25.51 0.91 1.95
CA GLY A 44 25.31 0.63 3.37
C GLY A 44 25.96 -0.65 3.84
N SER A 45 25.66 -1.01 5.08
CA SER A 45 26.28 -2.18 5.72
C SER A 45 25.42 -2.60 6.89
N ARG A 46 25.80 -3.73 7.49
CA ARG A 46 25.04 -4.34 8.57
C ARG A 46 26.00 -5.08 9.48
N TRP A 47 25.96 -4.77 10.78
CA TRP A 47 26.74 -5.57 11.70
C TRP A 47 25.82 -6.41 12.58
N ARG A 48 26.40 -7.41 13.25
CA ARG A 48 25.66 -8.24 14.15
C ARG A 48 26.57 -8.85 15.20
N SER A 49 25.97 -9.27 16.31
CA SER A 49 26.65 -10.12 17.28
C SER A 49 27.06 -11.43 16.62
N THR A 50 28.13 -12.04 17.10
CA THR A 50 28.58 -13.31 16.54
C THR A 50 27.81 -14.47 17.16
N THR A 51 27.11 -14.19 18.24
CA THR A 51 26.29 -15.22 18.87
C THR A 51 24.83 -14.81 18.94
N ARG A 52 23.94 -15.80 19.02
CA ARG A 52 22.55 -15.58 19.32
C ARG A 52 22.34 -15.57 20.83
N PHE A 53 21.23 -14.99 21.27
CA PHE A 53 20.87 -14.94 22.68
C PHE A 53 19.45 -15.45 22.89
N GLN A 54 19.20 -16.04 24.05
CA GLN A 54 17.84 -16.46 24.41
C GLN A 54 17.31 -15.56 25.52
N TYR A 55 16.64 -14.48 25.10
CA TYR A 55 16.09 -13.44 25.99
C TYR A 55 17.19 -12.54 26.57
N GLY A 56 16.75 -11.43 27.16
CA GLY A 56 17.66 -10.56 27.88
C GLY A 56 17.49 -9.11 27.51
N THR A 57 18.35 -8.27 28.05
CA THR A 57 18.29 -6.84 27.81
C THR A 57 19.43 -6.40 26.90
N PHE A 58 19.08 -5.67 25.84
CA PHE A 58 20.05 -5.23 24.85
C PHE A 58 20.02 -3.71 24.80
N SER A 59 21.17 -3.06 24.68
CA SER A 59 21.16 -1.61 24.65
C SER A 59 22.29 -1.03 23.85
N SER A 60 22.07 0.18 23.36
CA SER A 60 23.11 0.93 22.67
C SER A 60 22.87 2.42 22.85
N LEU A 61 23.94 3.19 22.95
CA LEU A 61 23.86 4.62 22.66
C LEU A 61 23.87 4.74 21.15
N ILE A 62 23.00 5.57 20.58
CA ILE A 62 22.99 5.77 19.14
C ILE A 62 22.92 7.24 18.78
N GLN A 63 23.75 7.65 17.83
N GLN A 63 23.76 7.66 17.84
CA GLN A 63 23.62 8.97 17.21
CA GLN A 63 23.62 8.95 17.20
C GLN A 63 23.41 8.80 15.72
C GLN A 63 23.39 8.75 15.72
N CYS A 64 22.23 9.17 15.23
CA CYS A 64 21.88 8.95 13.84
C CYS A 64 22.55 9.98 12.92
N PRO A 65 22.58 9.70 11.60
CA PRO A 65 23.27 10.61 10.68
C PRO A 65 22.69 12.01 10.62
N LYS A 66 23.58 12.96 10.36
CA LYS A 66 23.19 14.35 10.13
C LYS A 66 22.71 14.56 8.70
N GLY A 67 22.23 15.76 8.40
CA GLY A 67 21.81 16.09 7.06
C GLY A 67 20.44 15.56 6.70
N ASN A 68 20.10 15.62 5.41
CA ASN A 68 18.79 15.18 4.96
C ASN A 68 18.78 13.68 4.77
N THR A 69 18.17 12.99 5.72
CA THR A 69 18.23 11.54 5.73
C THR A 69 16.98 10.89 5.13
N SER A 70 16.20 11.67 4.39
CA SER A 70 14.98 11.16 3.76
C SER A 70 15.26 9.88 2.96
N GLY A 71 14.38 8.89 3.08
CA GLY A 71 14.57 7.61 2.42
C GLY A 71 15.27 6.54 3.24
N LEU A 72 16.22 6.96 4.07
CA LEU A 72 17.05 6.02 4.81
C LEU A 72 16.34 5.37 6.00
N ASN A 73 16.77 4.15 6.30
CA ASN A 73 16.37 3.44 7.51
C ASN A 73 17.64 3.18 8.30
N PHE A 74 17.72 3.71 9.52
CA PHE A 74 18.79 3.38 10.47
CA PHE A 74 18.78 3.29 10.42
C PHE A 74 18.12 2.63 11.60
N ASN A 75 18.81 1.68 12.22
CA ASN A 75 18.13 0.82 13.16
C ASN A 75 19.02 0.10 14.17
N ILE A 76 18.38 -0.54 15.13
CA ILE A 76 19.02 -1.59 15.91
C ILE A 76 17.91 -2.58 16.22
N TYR A 77 18.21 -3.88 16.10
CA TYR A 77 17.14 -4.85 16.23
C TYR A 77 17.66 -6.25 16.54
N LEU A 78 16.75 -7.08 17.02
CA LEU A 78 17.00 -8.50 17.25
C LEU A 78 16.32 -9.28 16.13
N SER A 79 17.01 -10.29 15.60
CA SER A 79 16.37 -11.19 14.65
C SER A 79 16.97 -12.59 14.78
N SER A 80 16.12 -13.60 14.64
CA SER A 80 16.58 -14.99 14.67
C SER A 80 17.52 -15.29 13.50
N LEU A 81 17.27 -14.64 12.35
CA LEU A 81 18.17 -14.69 11.20
C LEU A 81 17.70 -13.70 10.14
N GLU A 82 18.51 -12.69 9.83
CA GLU A 82 18.12 -11.71 8.83
C GLU A 82 17.94 -12.39 7.47
N GLY A 83 16.76 -12.19 6.87
CA GLY A 83 16.49 -12.77 5.57
C GLY A 83 15.64 -14.03 5.65
N ASP A 84 15.52 -14.59 6.85
CA ASP A 84 14.67 -15.75 7.11
C ASP A 84 13.20 -15.36 6.97
N LYS A 85 12.43 -16.13 6.19
CA LYS A 85 11.02 -15.84 5.96
C LYS A 85 10.13 -16.15 7.17
N SER A 86 10.67 -16.90 8.14
CA SER A 86 9.92 -17.25 9.34
C SER A 86 10.60 -16.74 10.60
N GLN A 87 11.21 -15.56 10.50
CA GLN A 87 12.01 -15.05 11.60
CA GLN A 87 12.01 -15.02 11.59
C GLN A 87 11.18 -14.52 12.78
N ASP A 88 11.78 -14.58 13.96
CA ASP A 88 11.29 -13.79 15.10
C ASP A 88 12.17 -12.55 15.13
N ALA A 89 11.61 -11.40 15.51
CA ALA A 89 12.41 -10.17 15.53
C ALA A 89 11.78 -9.09 16.41
N ILE A 90 12.60 -8.15 16.86
CA ILE A 90 12.16 -7.00 17.63
C ILE A 90 12.96 -5.79 17.19
N ASP A 91 12.27 -4.72 16.79
CA ASP A 91 12.89 -3.59 16.08
C ASP A 91 12.83 -2.22 16.75
N PHE A 92 13.94 -1.48 16.64
CA PHE A 92 13.92 -0.01 16.61
C PHE A 92 14.26 0.38 15.17
N GLU A 93 13.40 1.10 14.48
CA GLU A 93 13.75 1.60 13.15
C GLU A 93 13.47 3.10 13.03
N PHE A 94 14.51 3.87 12.75
CA PHE A 94 14.33 5.29 12.49
C PHE A 94 13.96 5.47 11.03
N LEU A 95 13.01 6.37 10.79
CA LEU A 95 12.53 6.63 9.44
C LEU A 95 13.11 7.96 9.00
N GLY A 96 13.96 7.93 7.97
CA GLY A 96 14.84 9.05 7.67
C GLY A 96 14.17 10.36 7.32
N LYS A 97 12.91 10.29 6.86
CA LYS A 97 12.13 11.48 6.55
C LYS A 97 11.90 12.39 7.77
N ASP A 98 11.95 11.79 8.96
CA ASP A 98 11.63 12.51 10.19
C ASP A 98 12.47 12.01 11.36
N LYS A 99 13.52 12.75 11.70
CA LYS A 99 14.45 12.29 12.74
C LYS A 99 13.95 12.61 14.15
N ARG A 100 12.69 12.99 14.26
CA ARG A 100 12.10 13.21 15.58
C ARG A 100 11.12 12.11 15.96
N ILE A 101 11.11 11.03 15.20
CA ILE A 101 10.30 9.86 15.53
C ILE A 101 11.14 8.60 15.50
N VAL A 102 10.58 7.51 16.01
CA VAL A 102 11.15 6.17 15.83
C VAL A 102 10.00 5.19 15.71
N GLN A 103 10.19 4.14 14.92
CA GLN A 103 9.19 3.10 14.79
C GLN A 103 9.62 1.85 15.55
N THR A 104 8.69 1.26 16.31
CA THR A 104 8.97 -0.04 16.92
C THR A 104 8.07 -1.07 16.24
N ASN A 105 8.45 -2.34 16.36
CA ASN A 105 7.78 -3.41 15.63
C ASN A 105 8.32 -4.74 16.16
N TYR A 106 7.58 -5.82 15.97
CA TYR A 106 8.16 -7.13 16.22
C TYR A 106 7.52 -8.19 15.35
N TYR A 107 8.26 -9.27 15.15
CA TYR A 107 7.87 -10.33 14.23
C TYR A 107 7.79 -11.66 14.93
N THR A 108 6.80 -12.45 14.53
CA THR A 108 6.62 -13.80 15.03
C THR A 108 6.47 -14.75 13.85
N ALA A 109 7.43 -15.63 13.64
CA ALA A 109 7.39 -16.60 12.56
C ALA A 109 7.13 -15.93 11.21
N GLY A 110 7.76 -14.78 11.00
CA GLY A 110 7.68 -14.07 9.74
C GLY A 110 6.62 -12.99 9.67
N THR A 111 5.72 -12.97 10.66
CA THR A 111 4.60 -12.03 10.64
C THR A 111 4.88 -10.82 11.50
N GLY A 112 4.83 -9.63 10.89
CA GLY A 112 5.04 -8.41 11.63
C GLY A 112 3.72 -7.66 11.82
N ASN A 113 3.59 -6.52 11.16
N ASN A 113 3.61 -6.52 11.17
CA ASN A 113 2.36 -5.72 11.19
CA ASN A 113 2.42 -5.68 11.18
C ASN A 113 2.03 -5.19 12.58
C ASN A 113 2.04 -5.22 12.58
N ARG A 114 3.05 -4.93 13.39
CA ARG A 114 2.81 -4.41 14.73
C ARG A 114 3.54 -3.09 14.95
N GLU A 115 3.62 -2.31 13.87
CA GLU A 115 4.27 -1.01 13.90
C GLU A 115 3.63 -0.07 14.91
N ALA A 116 4.47 0.71 15.59
CA ALA A 116 4.01 1.84 16.37
C ALA A 116 4.99 2.98 16.17
N ILE A 117 4.48 4.20 16.03
CA ILE A 117 5.34 5.35 15.84
C ILE A 117 5.41 6.17 17.12
N HIS A 118 6.61 6.54 17.53
CA HIS A 118 6.79 7.28 18.77
C HIS A 118 7.47 8.61 18.51
N ASP A 119 6.97 9.64 19.17
CA ASP A 119 7.64 10.94 19.20
C ASP A 119 8.80 10.90 20.17
N LEU A 120 10.01 11.15 19.68
CA LEU A 120 11.19 11.04 20.51
C LEU A 120 11.27 12.16 21.55
N GLY A 121 10.86 13.36 21.15
CA GLY A 121 11.07 14.52 22.01
C GLY A 121 12.41 15.16 21.73
N PHE A 122 13.10 14.64 20.73
CA PHE A 122 14.39 15.18 20.30
C PHE A 122 14.71 14.75 18.87
N ASP A 123 15.75 15.34 18.29
CA ASP A 123 16.29 14.91 17.00
C ASP A 123 17.32 13.80 17.25
N CYS A 124 17.10 12.64 16.65
CA CYS A 124 17.94 11.47 16.95
C CYS A 124 19.37 11.59 16.40
N SER A 125 19.66 12.66 15.66
CA SER A 125 21.01 12.90 15.18
C SER A 125 21.69 13.96 16.05
N ASP A 126 20.95 14.47 17.03
CA ASP A 126 21.48 15.45 17.96
C ASP A 126 22.06 14.76 19.20
N GLY A 127 23.28 14.25 19.05
CA GLY A 127 24.00 13.64 20.15
C GLY A 127 23.63 12.18 20.32
N PHE A 128 24.27 11.52 21.27
CA PHE A 128 23.96 10.12 21.56
C PHE A 128 22.76 10.00 22.48
N HIS A 129 21.83 9.12 22.13
CA HIS A 129 20.73 8.79 23.02
C HIS A 129 20.70 7.28 23.25
N GLU A 130 20.05 6.87 24.34
CA GLU A 130 20.07 5.46 24.75
C GLU A 130 18.81 4.70 24.34
N TYR A 131 19.02 3.58 23.66
CA TYR A 131 17.93 2.74 23.18
C TYR A 131 18.07 1.36 23.76
N VAL A 132 16.99 0.84 24.33
CA VAL A 132 17.03 -0.42 25.05
C VAL A 132 15.88 -1.32 24.61
N ILE A 133 16.18 -2.58 24.33
CA ILE A 133 15.15 -3.60 24.16
C ILE A 133 15.24 -4.60 25.29
N LYS A 134 14.14 -4.75 26.04
CA LYS A 134 14.07 -5.77 27.09
C LYS A 134 13.18 -6.90 26.59
N TRP A 135 13.77 -8.09 26.41
CA TRP A 135 13.07 -9.20 25.77
C TRP A 135 12.90 -10.36 26.72
N GLY A 136 11.66 -10.65 27.09
CA GLY A 136 11.36 -11.79 27.95
C GLY A 136 10.36 -12.73 27.28
N PRO A 137 10.14 -13.90 27.89
CA PRO A 137 9.25 -14.91 27.30
C PRO A 137 7.80 -14.44 27.16
N ASP A 138 7.38 -13.43 27.92
CA ASP A 138 6.00 -12.94 27.79
C ASP A 138 5.88 -11.43 27.94
N LEU A 139 7.01 -10.73 27.85
CA LEU A 139 7.01 -9.28 27.91
C LEU A 139 8.19 -8.72 27.11
N ILE A 140 7.88 -7.79 26.21
CA ILE A 140 8.90 -7.03 25.49
C ILE A 140 8.71 -5.56 25.83
N GLN A 141 9.79 -4.88 26.18
CA GLN A 141 9.71 -3.43 26.38
C GLN A 141 10.79 -2.71 25.59
N TRP A 142 10.46 -1.50 25.14
CA TRP A 142 11.39 -0.61 24.45
C TRP A 142 11.64 0.62 25.33
N LEU A 143 12.90 0.95 25.60
CA LEU A 143 13.21 2.17 26.37
C LEU A 143 14.04 3.16 25.57
N ILE A 144 13.77 4.45 25.75
CA ILE A 144 14.57 5.52 25.17
C ILE A 144 14.98 6.51 26.25
N ASP A 145 16.29 6.72 26.39
CA ASP A 145 16.85 7.55 27.44
C ASP A 145 16.27 7.21 28.81
N GLY A 146 16.12 5.91 29.07
CA GLY A 146 15.72 5.44 30.39
C GLY A 146 14.23 5.34 30.64
N LYS A 147 13.42 5.68 29.65
CA LYS A 147 11.97 5.66 29.82
C LYS A 147 11.33 4.65 28.90
N VAL A 148 10.43 3.83 29.45
CA VAL A 148 9.70 2.86 28.64
C VAL A 148 8.77 3.58 27.69
N ILE A 149 8.92 3.34 26.40
CA ILE A 149 8.04 3.97 25.42
C ILE A 149 6.99 3.01 24.89
N ARG A 150 7.21 1.71 25.11
CA ARG A 150 6.25 0.70 24.69
C ARG A 150 6.46 -0.61 25.46
N SER A 151 5.36 -1.24 25.85
CA SER A 151 5.36 -2.56 26.46
C SER A 151 4.37 -3.44 25.73
N VAL A 152 4.79 -4.64 25.34
CA VAL A 152 3.84 -5.61 24.79
C VAL A 152 3.96 -6.92 25.53
N ARG A 153 2.80 -7.50 25.87
CA ARG A 153 2.79 -8.78 26.56
C ARG A 153 2.27 -9.87 25.62
N ALA A 154 2.65 -11.10 25.91
CA ALA A 154 2.17 -12.24 25.15
C ALA A 154 0.64 -12.27 25.20
N ASP A 155 0.02 -12.21 24.02
CA ASP A 155 -1.43 -12.03 23.92
C ASP A 155 -2.10 -13.22 23.24
N GLY A 156 -1.34 -14.31 23.06
CA GLY A 156 -1.86 -15.50 22.44
C GLY A 156 -1.80 -15.50 20.92
N GLU A 157 -1.25 -14.44 20.33
CA GLU A 157 -1.12 -14.35 18.88
C GLU A 157 0.34 -14.50 18.45
N GLY A 158 1.08 -15.36 19.15
CA GLY A 158 2.49 -15.54 18.86
C GLY A 158 3.36 -14.57 19.65
N PHE A 159 4.62 -14.94 19.85
CA PHE A 159 5.56 -14.10 20.58
C PHE A 159 6.98 -14.50 20.19
N PRO A 160 7.89 -13.51 20.05
CA PRO A 160 9.27 -13.85 19.72
C PRO A 160 9.90 -14.73 20.79
N GLN A 161 10.34 -15.92 20.41
CA GLN A 161 10.97 -16.84 21.36
C GLN A 161 12.19 -17.59 20.80
N LYS A 162 12.41 -17.55 19.48
CA LYS A 162 13.63 -18.12 18.91
C LYS A 162 14.85 -17.33 19.40
N PRO A 163 16.00 -18.01 19.57
CA PRO A 163 17.22 -17.25 19.88
C PRO A 163 17.50 -16.25 18.77
N MET A 164 18.00 -15.07 19.14
CA MET A 164 18.20 -14.01 18.16
C MET A 164 19.59 -13.37 18.24
N PHE A 165 20.09 -12.94 17.07
CA PHE A 165 21.26 -12.07 16.97
C PHE A 165 20.85 -10.63 17.26
N LEU A 166 21.77 -9.83 17.80
CA LEU A 166 21.63 -8.39 17.77
C LEU A 166 22.15 -7.89 16.43
N TYR A 167 21.35 -7.08 15.74
CA TYR A 167 21.69 -6.55 14.40
C TYR A 167 21.62 -5.02 14.35
N ALA A 168 22.39 -4.42 13.46
CA ALA A 168 22.17 -3.02 13.10
C ALA A 168 22.54 -2.80 11.64
N SER A 169 21.74 -2.02 10.92
CA SER A 169 22.07 -1.71 9.54
C SER A 169 21.64 -0.29 9.18
N VAL A 170 22.10 0.16 8.03
CA VAL A 170 21.57 1.36 7.43
C VAL A 170 21.28 1.03 5.98
N TRP A 171 20.05 1.32 5.54
CA TRP A 171 19.68 1.00 4.17
C TRP A 171 18.71 2.02 3.60
N ASP A 172 18.58 2.00 2.28
CA ASP A 172 17.68 2.90 1.55
C ASP A 172 16.30 2.24 1.43
N ALA A 173 15.36 2.67 2.27
CA ALA A 173 14.04 2.05 2.28
C ALA A 173 13.02 2.86 1.48
N SER A 174 13.52 3.77 0.64
CA SER A 174 12.62 4.68 -0.08
C SER A 174 11.69 3.95 -1.05
N TYR A 175 11.99 2.69 -1.36
CA TYR A 175 11.15 1.95 -2.30
C TYR A 175 9.93 1.33 -1.61
N ILE A 176 9.92 1.36 -0.28
CA ILE A 176 8.78 0.82 0.48
C ILE A 176 7.60 1.79 0.43
N ASP A 177 6.43 1.25 0.10
CA ASP A 177 5.18 2.02 0.04
C ASP A 177 5.30 3.38 -0.69
N GLU A 178 5.88 3.34 -1.89
CA GLU A 178 5.98 4.51 -2.75
C GLU A 178 6.72 5.68 -2.09
N GLY A 179 7.64 5.33 -1.18
CA GLY A 179 8.40 6.35 -0.48
C GLY A 179 7.66 6.99 0.70
N ARG A 180 6.47 6.51 1.03
CA ARG A 180 5.69 7.15 2.10
C ARG A 180 6.14 6.69 3.49
N TRP A 181 6.86 5.57 3.55
CA TRP A 181 7.31 5.05 4.83
C TRP A 181 8.52 5.84 5.37
N THR A 182 9.62 5.85 4.61
CA THR A 182 10.82 6.58 5.05
C THR A 182 11.13 7.85 4.25
N GLY A 183 10.34 8.15 3.23
CA GLY A 183 10.55 9.34 2.40
C GLY A 183 11.28 8.99 1.11
N PRO A 184 11.28 9.92 0.14
CA PRO A 184 12.11 9.63 -1.04
C PRO A 184 13.58 9.75 -0.68
N TYR A 185 14.47 9.01 -1.33
CA TYR A 185 15.90 9.16 -1.07
C TYR A 185 16.47 10.36 -1.81
N VAL A 186 17.00 11.33 -1.07
CA VAL A 186 17.63 12.49 -1.69
C VAL A 186 19.13 12.26 -1.83
N GLY A 187 19.77 11.93 -0.71
CA GLY A 187 21.13 11.40 -0.73
C GLY A 187 22.21 12.36 -1.16
N CYS A 188 22.06 13.64 -0.81
CA CYS A 188 23.09 14.61 -1.17
C CYS A 188 23.92 15.04 0.04
N ASP A 189 23.76 14.33 1.15
CA ASP A 189 24.58 14.62 2.32
C ASP A 189 25.39 13.40 2.76
N ALA A 190 25.71 12.51 1.84
CA ALA A 190 26.54 11.35 2.15
C ALA A 190 28.00 11.80 2.34
N PRO A 191 28.76 11.08 3.18
CA PRO A 191 28.41 9.88 3.95
C PRO A 191 27.44 10.14 5.08
N TYR A 192 26.43 9.28 5.18
CA TYR A 192 25.52 9.30 6.30
C TYR A 192 26.06 8.37 7.37
N ILE A 193 26.58 8.93 8.46
CA ILE A 193 27.26 8.10 9.46
C ILE A 193 26.41 7.88 10.70
N CYS A 194 26.07 6.62 10.97
CA CYS A 194 25.29 6.28 12.15
C CYS A 194 26.23 5.65 13.18
N LEU A 195 26.20 6.17 14.40
CA LEU A 195 27.13 5.73 15.43
C LEU A 195 26.47 4.97 16.56
N TYR A 196 27.10 3.88 16.96
CA TYR A 196 26.64 3.04 18.06
C TYR A 196 27.75 3.03 19.09
N LYS A 197 27.40 3.32 20.34
CA LYS A 197 28.40 3.35 21.39
C LYS A 197 27.92 2.60 22.63
N ASN A 198 28.85 1.92 23.31
CA ASN A 198 28.56 1.15 24.51
C ASN A 198 27.44 0.14 24.30
N VAL A 199 27.53 -0.62 23.22
CA VAL A 199 26.54 -1.66 22.96
C VAL A 199 26.66 -2.74 24.03
N ASN A 200 25.56 -3.04 24.72
CA ASN A 200 25.57 -4.08 25.76
C ASN A 200 24.59 -5.20 25.45
N VAL A 201 24.94 -6.42 25.88
CA VAL A 201 24.13 -7.59 25.61
C VAL A 201 23.91 -8.34 26.92
N PRO A 202 22.96 -9.26 26.94
CA PRO A 202 22.66 -10.04 28.15
C PRO A 202 23.91 -10.74 28.70
N VAL A 203 23.93 -10.63 30.06
N VAL A 203 24.06 -10.85 30.05
CA VAL A 203 24.67 -11.53 30.83
CA VAL A 203 25.20 -11.50 30.65
C VAL A 203 23.74 -12.72 31.07
C VAL A 203 25.39 -13.03 30.42
N GLY A 204 24.14 -13.67 30.39
CA GLY A 204 24.30 -15.10 30.58
C GLY A 204 23.30 -15.90 29.76
N THR A 205 22.81 -15.30 28.69
CA THR A 205 21.84 -15.97 27.81
C THR A 205 22.35 -16.30 26.40
N ALA A 206 23.64 -16.14 26.15
CA ALA A 206 24.16 -16.51 24.83
C ALA A 206 23.99 -18.02 24.62
N VAL A 207 23.51 -18.40 23.43
CA VAL A 207 23.33 -19.80 23.10
C VAL A 207 23.96 -20.15 21.75
N GLU A 208 24.24 -21.43 21.56
N GLU B 10 -23.81 -1.10 -37.76
CA GLU B 10 -23.69 -2.56 -37.67
C GLU B 10 -22.85 -2.96 -36.46
N ALA B 11 -23.35 -3.92 -35.69
CA ALA B 11 -22.73 -4.32 -34.45
C ALA B 11 -22.20 -5.75 -34.53
N GLN B 12 -21.12 -6.01 -33.80
CA GLN B 12 -20.58 -7.35 -33.68
C GLN B 12 -20.31 -7.65 -32.22
N PRO B 13 -20.40 -8.94 -31.82
CA PRO B 13 -20.05 -9.25 -30.43
C PRO B 13 -18.59 -8.93 -30.15
N LEU B 14 -18.31 -8.47 -28.93
CA LEU B 14 -16.95 -8.28 -28.50
C LEU B 14 -16.37 -9.63 -28.13
N LYS B 15 -15.48 -10.15 -28.96
CA LYS B 15 -14.95 -11.49 -28.74
C LYS B 15 -13.60 -11.46 -28.04
N PHE B 16 -12.86 -10.37 -28.25
CA PHE B 16 -11.48 -10.27 -27.79
C PHE B 16 -11.31 -9.21 -26.71
N ILE B 17 -10.96 -9.65 -25.51
CA ILE B 17 -10.78 -8.72 -24.41
C ILE B 17 -9.46 -8.93 -23.70
N ALA B 18 -9.06 -7.91 -22.95
CA ALA B 18 -7.93 -7.99 -22.04
C ALA B 18 -8.39 -7.68 -20.63
N VAL B 19 -7.57 -8.06 -19.65
CA VAL B 19 -7.84 -7.75 -18.25
C VAL B 19 -6.67 -6.94 -17.70
N ASP B 20 -6.96 -5.76 -17.15
CA ASP B 20 -5.86 -4.84 -16.79
C ASP B 20 -5.23 -5.15 -15.44
N TYR B 21 -5.97 -5.84 -14.56
CA TYR B 21 -5.39 -6.28 -13.28
C TYR B 21 -6.31 -7.32 -12.64
N CYS B 22 -5.75 -8.13 -11.74
CA CYS B 22 -6.52 -9.11 -10.97
C CYS B 22 -7.45 -9.97 -11.86
N PRO B 23 -6.88 -10.80 -12.75
CA PRO B 23 -7.73 -11.62 -13.62
C PRO B 23 -8.54 -12.67 -12.85
N GLU B 24 -8.12 -12.99 -11.63
CA GLU B 24 -8.88 -13.94 -10.81
C GLU B 24 -10.27 -13.38 -10.49
N SER B 25 -10.44 -12.07 -10.65
CA SER B 25 -11.71 -11.42 -10.33
C SER B 25 -12.50 -11.01 -11.58
N CYS B 26 -12.11 -11.60 -12.71
CA CYS B 26 -12.86 -11.44 -13.96
C CYS B 26 -13.03 -12.81 -14.59
N THR B 27 -14.25 -13.17 -14.99
CA THR B 27 -14.42 -14.40 -15.74
C THR B 27 -15.05 -14.15 -17.10
N HIS B 28 -14.31 -14.46 -18.16
CA HIS B 28 -14.85 -14.43 -19.50
C HIS B 28 -15.39 -15.81 -19.88
N SER B 29 -16.69 -15.88 -20.13
CA SER B 29 -17.32 -17.12 -20.56
C SER B 29 -17.85 -16.96 -21.98
N PRO B 30 -16.98 -17.20 -22.98
CA PRO B 30 -17.35 -16.96 -24.38
C PRO B 30 -18.59 -17.75 -24.79
N GLU B 31 -18.72 -18.96 -24.26
CA GLU B 31 -19.79 -19.87 -24.70
C GLU B 31 -21.17 -19.37 -24.25
N SER B 32 -21.19 -18.43 -23.31
CA SER B 32 -22.43 -17.84 -22.85
C SER B 32 -22.47 -16.33 -23.11
N SER B 33 -21.49 -15.84 -23.86
CA SER B 33 -21.35 -14.41 -24.16
C SER B 33 -21.38 -13.54 -22.92
N THR B 34 -20.77 -14.03 -21.84
CA THR B 34 -20.84 -13.33 -20.56
C THR B 34 -19.46 -12.99 -20.03
N ILE B 35 -19.34 -11.80 -19.44
CA ILE B 35 -18.16 -11.44 -18.67
C ILE B 35 -18.63 -11.05 -17.29
N THR B 36 -17.98 -11.56 -16.25
CA THR B 36 -18.30 -11.13 -14.91
C THR B 36 -17.12 -10.42 -14.28
N LEU B 37 -17.43 -9.42 -13.46
CA LEU B 37 -16.44 -8.76 -12.62
C LEU B 37 -16.87 -8.93 -11.18
N THR B 38 -15.94 -9.26 -10.31
CA THR B 38 -16.27 -9.52 -8.92
C THR B 38 -15.53 -8.59 -7.99
N PHE B 39 -16.23 -7.94 -7.08
CA PHE B 39 -15.54 -7.20 -6.03
C PHE B 39 -15.63 -7.91 -4.69
N ASP B 40 -14.47 -7.97 -4.04
CA ASP B 40 -14.32 -8.55 -2.71
C ASP B 40 -12.92 -8.15 -2.22
N HIS B 41 -12.41 -8.83 -1.21
CA HIS B 41 -11.13 -8.45 -0.60
C HIS B 41 -9.97 -8.46 -1.59
N ARG B 42 -10.13 -9.14 -2.72
CA ARG B 42 -9.08 -9.20 -3.73
CA ARG B 42 -9.09 -9.20 -3.74
C ARG B 42 -8.94 -7.87 -4.48
N GLY B 43 -9.93 -7.00 -4.34
CA GLY B 43 -9.83 -5.63 -4.84
C GLY B 43 -10.44 -5.27 -6.19
N GLY B 44 -11.17 -6.20 -6.80
CA GLY B 44 -11.87 -5.92 -8.04
C GLY B 44 -11.02 -6.12 -9.28
N SER B 45 -11.56 -5.74 -10.43
CA SER B 45 -10.88 -5.95 -11.71
C SER B 45 -11.45 -5.02 -12.78
N ARG B 46 -10.81 -5.04 -13.95
CA ARG B 46 -11.19 -4.19 -15.07
C ARG B 46 -10.91 -4.92 -16.37
N TRP B 47 -11.92 -5.03 -17.24
CA TRP B 47 -11.68 -5.61 -18.56
C TRP B 47 -11.76 -4.53 -19.61
N ARG B 48 -11.21 -4.80 -20.78
CA ARG B 48 -11.27 -3.85 -21.88
C ARG B 48 -11.17 -4.56 -23.21
N SER B 49 -11.66 -3.89 -24.24
CA SER B 49 -11.43 -4.36 -25.60
C SER B 49 -9.91 -4.38 -25.85
N THR B 50 -9.44 -5.30 -26.69
CA THR B 50 -8.01 -5.36 -26.98
C THR B 50 -7.56 -4.23 -27.89
N THR B 51 -8.53 -3.62 -28.58
CA THR B 51 -8.21 -2.50 -29.46
C THR B 51 -9.09 -1.30 -29.19
N ARG B 52 -8.65 -0.15 -29.68
CA ARG B 52 -9.45 1.07 -29.59
C ARG B 52 -10.44 1.14 -30.75
N PHE B 53 -11.44 2.01 -30.59
CA PHE B 53 -12.45 2.29 -31.63
C PHE B 53 -12.54 3.79 -31.87
N GLN B 54 -12.95 4.17 -33.07
CA GLN B 54 -13.20 5.58 -33.39
C GLN B 54 -14.65 5.77 -33.82
N TYR B 55 -15.49 6.19 -32.85
CA TYR B 55 -16.93 6.37 -33.01
C TYR B 55 -17.69 5.04 -33.11
N GLY B 56 -19.01 5.13 -33.06
CA GLY B 56 -19.85 3.95 -33.18
C GLY B 56 -20.76 3.73 -31.99
N THR B 57 -21.47 2.61 -32.03
CA THR B 57 -22.40 2.22 -30.98
C THR B 57 -21.83 1.07 -30.16
N PHE B 58 -21.89 1.23 -28.85
CA PHE B 58 -21.33 0.27 -27.90
C PHE B 58 -22.43 -0.14 -26.95
N SER B 59 -22.59 -1.44 -26.71
CA SER B 59 -23.70 -1.84 -25.85
C SER B 59 -23.40 -3.09 -25.04
N SER B 60 -24.13 -3.22 -23.94
CA SER B 60 -24.05 -4.42 -23.13
C SER B 60 -25.32 -4.58 -22.33
N LEU B 61 -25.76 -5.82 -22.17
CA LEU B 61 -26.67 -6.13 -21.08
C LEU B 61 -25.85 -6.13 -19.81
N ILE B 62 -26.36 -5.52 -18.75
CA ILE B 62 -25.66 -5.54 -17.46
C ILE B 62 -26.65 -5.83 -16.35
N GLN B 63 -26.25 -6.72 -15.45
CA GLN B 63 -26.94 -6.90 -14.19
C GLN B 63 -25.95 -6.60 -13.08
N CYS B 64 -26.23 -5.56 -12.32
CA CYS B 64 -25.30 -5.09 -11.30
C CYS B 64 -25.35 -5.97 -10.04
N PRO B 65 -24.34 -5.83 -9.15
CA PRO B 65 -24.28 -6.76 -8.01
C PRO B 65 -25.44 -6.63 -7.03
N LYS B 66 -25.79 -7.76 -6.41
CA LYS B 66 -26.83 -7.81 -5.38
C LYS B 66 -26.32 -7.27 -4.05
N GLY B 67 -27.23 -7.04 -3.12
CA GLY B 67 -26.89 -6.66 -1.76
C GLY B 67 -26.53 -5.20 -1.59
N ASN B 68 -25.92 -4.90 -0.45
CA ASN B 68 -25.57 -3.52 -0.15
C ASN B 68 -24.25 -3.14 -0.82
N THR B 69 -24.36 -2.41 -1.93
CA THR B 69 -23.21 -2.08 -2.76
C THR B 69 -22.58 -0.74 -2.41
N SER B 70 -22.93 -0.19 -1.24
CA SER B 70 -22.42 1.11 -0.83
C SER B 70 -20.90 1.17 -0.97
N GLY B 71 -20.40 2.30 -1.46
CA GLY B 71 -18.98 2.45 -1.67
C GLY B 71 -18.51 2.09 -3.06
N LEU B 72 -19.12 1.06 -3.66
CA LEU B 72 -18.62 0.55 -4.93
C LEU B 72 -19.01 1.44 -6.11
N ASN B 73 -18.21 1.34 -7.17
CA ASN B 73 -18.50 1.92 -8.47
C ASN B 73 -18.42 0.75 -9.44
N PHE B 74 -19.52 0.46 -10.13
CA PHE B 74 -19.49 -0.47 -11.25
C PHE B 74 -20.00 0.29 -12.48
N ASN B 75 -19.51 -0.10 -13.65
CA ASN B 75 -19.59 0.79 -14.79
C ASN B 75 -19.42 0.10 -16.15
N ILE B 76 -19.59 0.89 -17.19
CA ILE B 76 -19.13 0.54 -18.54
C ILE B 76 -18.86 1.89 -19.18
N TYR B 77 -17.75 2.00 -19.88
CA TYR B 77 -17.34 3.30 -20.39
C TYR B 77 -16.34 3.18 -21.52
N LEU B 78 -16.20 4.27 -22.27
CA LEU B 78 -15.13 4.42 -23.25
C LEU B 78 -14.04 5.31 -22.68
N SER B 79 -12.77 4.95 -22.88
CA SER B 79 -11.67 5.85 -22.55
C SER B 79 -10.50 5.67 -23.52
N SER B 80 -9.83 6.78 -23.83
CA SER B 80 -8.69 6.71 -24.74
C SER B 80 -7.54 5.96 -24.07
N LEU B 81 -7.47 6.03 -22.75
CA LEU B 81 -6.45 5.32 -21.99
C LEU B 81 -6.68 5.48 -20.49
N GLU B 82 -7.07 4.39 -19.84
CA GLU B 82 -7.33 4.44 -18.41
C GLU B 82 -6.03 4.75 -17.69
N GLY B 83 -6.05 5.81 -16.88
CA GLY B 83 -4.87 6.24 -16.16
C GLY B 83 -4.21 7.48 -16.76
N ASP B 84 -4.48 7.74 -18.04
CA ASP B 84 -4.00 8.94 -18.72
C ASP B 84 -4.77 10.15 -18.17
N LYS B 85 -4.05 11.18 -17.73
CA LYS B 85 -4.72 12.32 -17.12
C LYS B 85 -5.21 13.34 -18.17
N SER B 86 -4.91 13.08 -19.44
CA SER B 86 -5.49 13.90 -20.50
C SER B 86 -6.37 13.02 -21.41
N GLN B 87 -7.14 12.12 -20.80
CA GLN B 87 -7.94 11.19 -21.56
C GLN B 87 -9.22 11.80 -22.13
N ASP B 88 -9.70 11.23 -23.23
CA ASP B 88 -11.10 11.38 -23.65
C ASP B 88 -11.87 10.20 -23.07
N ALA B 89 -13.11 10.44 -22.64
CA ALA B 89 -13.91 9.33 -22.11
C ALA B 89 -15.41 9.61 -22.15
N ILE B 90 -16.21 8.55 -22.14
CA ILE B 90 -17.67 8.64 -22.04
C ILE B 90 -18.17 7.57 -21.07
N ASP B 91 -18.92 7.95 -20.02
CA ASP B 91 -19.18 7.03 -18.91
C ASP B 91 -20.65 6.69 -18.62
N PHE B 92 -20.90 5.42 -18.30
CA PHE B 92 -22.01 5.02 -17.43
C PHE B 92 -21.36 4.63 -16.10
N GLU B 93 -21.70 5.29 -14.99
CA GLU B 93 -21.17 4.86 -13.70
C GLU B 93 -22.29 4.68 -12.69
N PHE B 94 -22.41 3.48 -12.15
CA PHE B 94 -23.36 3.24 -11.07
C PHE B 94 -22.70 3.59 -9.75
N LEU B 95 -23.44 4.28 -8.89
CA LEU B 95 -22.93 4.68 -7.58
C LEU B 95 -23.55 3.75 -6.55
N GLY B 96 -22.69 2.98 -5.87
CA GLY B 96 -23.11 1.83 -5.10
C GLY B 96 -24.15 2.08 -4.02
N LYS B 97 -24.18 3.30 -3.48
CA LYS B 97 -25.13 3.60 -2.41
C LYS B 97 -26.56 3.71 -2.90
N ASP B 98 -26.76 3.81 -4.22
CA ASP B 98 -28.12 3.97 -4.75
C ASP B 98 -28.25 3.24 -6.07
N LYS B 99 -28.83 2.05 -6.04
CA LYS B 99 -28.89 1.24 -7.25
C LYS B 99 -30.10 1.57 -8.10
N ARG B 100 -30.76 2.69 -7.83
CA ARG B 100 -31.87 3.13 -8.67
CA ARG B 100 -31.88 3.13 -8.66
C ARG B 100 -31.52 4.37 -9.47
N ILE B 101 -30.22 4.68 -9.53
CA ILE B 101 -29.75 5.76 -10.37
C ILE B 101 -28.54 5.29 -11.18
N VAL B 102 -28.15 6.11 -12.16
CA VAL B 102 -26.86 5.92 -12.80
C VAL B 102 -26.32 7.31 -13.11
N GLN B 103 -25.00 7.44 -13.13
CA GLN B 103 -24.36 8.71 -13.45
C GLN B 103 -23.74 8.62 -14.83
N THR B 104 -23.98 9.63 -15.65
CA THR B 104 -23.30 9.73 -16.93
C THR B 104 -22.36 10.92 -16.88
N ASN B 105 -21.34 10.88 -17.73
CA ASN B 105 -20.31 11.90 -17.72
C ASN B 105 -19.48 11.74 -18.99
N TYR B 106 -18.74 12.77 -19.36
CA TYR B 106 -17.73 12.58 -20.40
C TYR B 106 -16.53 13.49 -20.16
N TYR B 107 -15.40 13.07 -20.69
CA TYR B 107 -14.12 13.76 -20.47
C TYR B 107 -13.51 14.14 -21.81
N THR B 108 -12.86 15.30 -21.80
CA THR B 108 -12.22 15.84 -22.99
C THR B 108 -10.83 16.32 -22.57
N ALA B 109 -9.79 15.68 -23.08
CA ALA B 109 -8.42 15.99 -22.72
C ALA B 109 -8.23 16.10 -21.21
N GLY B 110 -8.87 15.20 -20.48
CA GLY B 110 -8.70 15.12 -19.04
C GLY B 110 -9.66 15.97 -18.23
N THR B 111 -10.49 16.76 -18.90
CA THR B 111 -11.47 17.58 -18.18
C THR B 111 -12.83 16.90 -18.19
N GLY B 112 -13.40 16.71 -16.99
CA GLY B 112 -14.73 16.13 -16.86
C GLY B 112 -15.76 17.19 -16.48
N ASN B 113 -16.37 17.00 -15.32
CA ASN B 113 -17.36 17.94 -14.75
C ASN B 113 -18.64 18.08 -15.58
N ARG B 114 -19.05 17.00 -16.25
CA ARG B 114 -20.35 17.00 -16.93
C ARG B 114 -21.27 15.91 -16.36
N GLU B 115 -21.12 15.63 -15.08
CA GLU B 115 -21.95 14.63 -14.40
C GLU B 115 -23.44 14.94 -14.50
N ALA B 116 -24.23 13.91 -14.78
CA ALA B 116 -25.67 13.98 -14.64
C ALA B 116 -26.14 12.72 -13.95
N ILE B 117 -27.12 12.86 -13.07
CA ILE B 117 -27.70 11.71 -12.38
C ILE B 117 -29.07 11.41 -12.94
N HIS B 118 -29.29 10.16 -13.31
CA HIS B 118 -30.56 9.74 -13.91
C HIS B 118 -31.29 8.72 -13.05
N ASP B 119 -32.58 8.91 -12.87
CA ASP B 119 -33.40 7.89 -12.23
C ASP B 119 -33.63 6.74 -13.20
N LEU B 120 -33.26 5.54 -12.79
CA LEU B 120 -33.38 4.36 -13.64
C LEU B 120 -34.83 3.94 -13.89
N GLY B 121 -35.67 4.04 -12.86
CA GLY B 121 -37.00 3.48 -12.93
C GLY B 121 -37.01 2.03 -12.48
N PHE B 122 -35.84 1.55 -12.06
CA PHE B 122 -35.68 0.17 -11.58
C PHE B 122 -34.40 0.05 -10.75
N ASP B 123 -34.23 -1.11 -10.12
CA ASP B 123 -33.00 -1.47 -9.40
C ASP B 123 -32.07 -2.15 -10.40
N CYS B 124 -30.88 -1.58 -10.63
CA CYS B 124 -29.98 -2.08 -11.66
C CYS B 124 -29.47 -3.49 -11.39
N SER B 125 -29.78 -4.03 -10.20
CA SER B 125 -29.39 -5.42 -9.93
C SER B 125 -30.54 -6.43 -10.06
N ASP B 126 -31.74 -5.95 -10.45
N ASP B 126 -31.74 -5.95 -10.42
CA ASP B 126 -32.92 -6.82 -10.44
CA ASP B 126 -32.92 -6.82 -10.43
C ASP B 126 -32.86 -7.87 -11.55
C ASP B 126 -33.05 -7.67 -11.70
N GLY B 127 -32.06 -7.60 -12.58
CA GLY B 127 -32.02 -8.43 -13.76
C GLY B 127 -31.21 -7.70 -14.80
N PHE B 128 -31.17 -8.22 -16.03
CA PHE B 128 -30.38 -7.54 -17.08
C PHE B 128 -31.13 -6.37 -17.69
N HIS B 129 -30.40 -5.28 -17.90
CA HIS B 129 -30.91 -4.14 -18.63
C HIS B 129 -29.89 -3.77 -19.70
N GLU B 130 -30.34 -3.10 -20.76
CA GLU B 130 -29.45 -2.76 -21.85
C GLU B 130 -28.91 -1.35 -21.72
N TYR B 131 -27.58 -1.23 -21.75
CA TYR B 131 -26.91 0.06 -21.69
C TYR B 131 -26.14 0.31 -22.97
N VAL B 132 -26.36 1.48 -23.58
CA VAL B 132 -25.81 1.78 -24.89
C VAL B 132 -25.18 3.17 -24.92
N ILE B 133 -23.96 3.25 -25.44
CA ILE B 133 -23.34 4.52 -25.73
C ILE B 133 -23.27 4.67 -27.24
N LYS B 134 -23.87 5.74 -27.77
CA LYS B 134 -23.71 6.09 -29.17
C LYS B 134 -22.79 7.29 -29.30
N TRP B 135 -21.64 7.08 -29.94
CA TRP B 135 -20.60 8.10 -30.00
C TRP B 135 -20.29 8.49 -31.43
N GLY B 136 -20.59 9.75 -31.77
CA GLY B 136 -20.31 10.29 -33.08
C GLY B 136 -19.45 11.54 -32.97
N PRO B 137 -18.96 12.05 -34.10
CA PRO B 137 -18.10 13.24 -34.12
C PRO B 137 -18.74 14.51 -33.52
N ASP B 138 -20.07 14.60 -33.50
CA ASP B 138 -20.67 15.78 -32.89
C ASP B 138 -21.92 15.50 -32.05
N LEU B 139 -22.14 14.24 -31.72
CA LEU B 139 -23.24 13.87 -30.82
C LEU B 139 -22.87 12.64 -30.00
N ILE B 140 -23.17 12.68 -28.70
CA ILE B 140 -23.10 11.48 -27.87
C ILE B 140 -24.48 11.21 -27.29
N GLN B 141 -24.92 9.96 -27.31
CA GLN B 141 -26.17 9.59 -26.65
C GLN B 141 -25.98 8.39 -25.74
N TRP B 142 -26.71 8.40 -24.63
CA TRP B 142 -26.76 7.29 -23.69
C TRP B 142 -28.17 6.72 -23.75
N LEU B 143 -28.30 5.40 -23.91
CA LEU B 143 -29.61 4.77 -23.93
C LEU B 143 -29.69 3.68 -22.88
N ILE B 144 -30.87 3.55 -22.26
CA ILE B 144 -31.12 2.46 -21.33
C ILE B 144 -32.41 1.77 -21.72
N ASP B 145 -32.35 0.45 -21.87
CA ASP B 145 -33.50 -0.33 -22.34
C ASP B 145 -34.16 0.30 -23.57
N GLY B 146 -33.31 0.77 -24.49
CA GLY B 146 -33.78 1.23 -25.79
C GLY B 146 -34.23 2.67 -25.84
N LYS B 147 -34.23 3.35 -24.70
CA LYS B 147 -34.68 4.75 -24.65
C LYS B 147 -33.51 5.70 -24.41
N VAL B 148 -33.44 6.77 -25.18
CA VAL B 148 -32.40 7.78 -24.95
C VAL B 148 -32.64 8.47 -23.60
N ILE B 149 -31.62 8.46 -22.74
CA ILE B 149 -31.73 9.13 -21.43
C ILE B 149 -30.91 10.41 -21.37
N ARG B 150 -29.97 10.57 -22.29
CA ARG B 150 -29.16 11.79 -22.36
C ARG B 150 -28.53 11.94 -23.73
N SER B 151 -28.47 13.18 -24.21
CA SER B 151 -27.76 13.52 -25.43
C SER B 151 -26.85 14.72 -25.16
N VAL B 152 -25.64 14.68 -25.71
CA VAL B 152 -24.72 15.82 -25.67
C VAL B 152 -24.23 16.16 -27.08
N ARG B 153 -24.25 17.45 -27.43
CA ARG B 153 -23.72 17.91 -28.71
C ARG B 153 -22.33 18.49 -28.59
N ALA B 154 -21.55 18.35 -29.65
CA ALA B 154 -20.24 19.00 -29.71
C ALA B 154 -20.42 20.49 -29.63
N ASP B 155 -19.68 21.13 -28.73
CA ASP B 155 -19.73 22.58 -28.62
C ASP B 155 -18.33 23.16 -28.55
N GLY B 156 -18.19 24.35 -28.00
CA GLY B 156 -16.91 25.03 -27.97
C GLY B 156 -16.02 24.59 -26.82
N GLU B 157 -16.48 23.60 -26.05
CA GLU B 157 -15.78 23.24 -24.81
C GLU B 157 -15.05 21.90 -24.91
N GLY B 158 -14.89 21.39 -26.12
CA GLY B 158 -14.20 20.14 -26.35
C GLY B 158 -15.15 18.97 -26.52
N PHE B 159 -14.69 17.95 -27.23
CA PHE B 159 -15.52 16.79 -27.50
C PHE B 159 -14.64 15.55 -27.64
N PRO B 160 -15.10 14.41 -27.08
CA PRO B 160 -14.29 13.18 -27.19
C PRO B 160 -14.07 12.79 -28.64
N GLN B 161 -12.81 12.75 -29.06
CA GLN B 161 -12.48 12.49 -30.46
C GLN B 161 -11.34 11.50 -30.60
N LYS B 162 -10.50 11.34 -29.57
CA LYS B 162 -9.45 10.33 -29.60
C LYS B 162 -10.05 8.94 -29.68
N PRO B 163 -9.36 8.01 -30.36
CA PRO B 163 -9.78 6.60 -30.34
C PRO B 163 -9.86 6.09 -28.90
N MET B 164 -10.84 5.25 -28.60
CA MET B 164 -11.07 4.82 -27.21
C MET B 164 -11.30 3.33 -27.08
N PHE B 165 -10.86 2.76 -25.95
CA PHE B 165 -11.17 1.38 -25.62
C PHE B 165 -12.57 1.33 -25.04
N LEU B 166 -13.23 0.19 -25.17
CA LEU B 166 -14.38 -0.10 -24.31
C LEU B 166 -13.86 -0.73 -23.01
N TYR B 167 -14.25 -0.14 -21.88
CA TYR B 167 -13.82 -0.59 -20.56
C TYR B 167 -15.00 -0.95 -19.65
N ALA B 168 -14.75 -1.80 -18.66
CA ALA B 168 -15.65 -1.93 -17.51
C ALA B 168 -14.87 -2.37 -16.27
N SER B 169 -15.22 -1.81 -15.12
CA SER B 169 -14.55 -2.22 -13.90
C SER B 169 -15.53 -2.26 -12.74
N VAL B 170 -15.09 -2.85 -11.63
CA VAL B 170 -15.76 -2.63 -10.36
C VAL B 170 -14.66 -2.20 -9.39
N TRP B 171 -14.87 -1.10 -8.69
CA TRP B 171 -13.85 -0.60 -7.79
C TRP B 171 -14.44 0.05 -6.56
N ASP B 172 -13.62 0.15 -5.52
CA ASP B 172 -14.02 0.76 -4.26
C ASP B 172 -13.75 2.26 -4.32
N ALA B 173 -14.82 3.04 -4.55
CA ALA B 173 -14.72 4.49 -4.71
C ALA B 173 -15.09 5.23 -3.43
N SER B 174 -15.17 4.50 -2.31
CA SER B 174 -15.62 5.09 -1.06
C SER B 174 -14.70 6.19 -0.55
N TYR B 175 -13.45 6.21 -1.04
CA TYR B 175 -12.50 7.24 -0.59
C TYR B 175 -12.71 8.57 -1.31
N ILE B 176 -13.53 8.55 -2.36
CA ILE B 176 -13.79 9.76 -3.14
C ILE B 176 -14.73 10.70 -2.40
N ASP B 177 -14.31 11.96 -2.24
CA ASP B 177 -15.15 12.97 -1.61
CA ASP B 177 -15.15 12.97 -1.60
C ASP B 177 -15.61 12.53 -0.21
N GLU B 178 -14.69 11.96 0.55
CA GLU B 178 -14.97 11.51 1.92
C GLU B 178 -16.20 10.59 1.99
N GLY B 179 -16.39 9.79 0.95
CA GLY B 179 -17.50 8.86 0.89
C GLY B 179 -18.85 9.42 0.44
N ARG B 180 -18.90 10.70 0.09
CA ARG B 180 -20.16 11.31 -0.30
C ARG B 180 -20.64 10.88 -1.69
N TRP B 181 -19.72 10.39 -2.51
CA TRP B 181 -20.04 10.09 -3.90
C TRP B 181 -20.72 8.73 -4.02
N THR B 182 -20.07 7.69 -3.51
CA THR B 182 -20.61 6.33 -3.64
C THR B 182 -21.02 5.72 -2.32
N GLY B 183 -20.70 6.39 -1.21
CA GLY B 183 -21.02 5.88 0.11
C GLY B 183 -19.83 5.21 0.76
N PRO B 184 -19.92 4.90 2.06
CA PRO B 184 -18.86 4.11 2.69
C PRO B 184 -18.89 2.66 2.19
N TYR B 185 -17.77 1.95 2.22
CA TYR B 185 -17.81 0.56 1.79
C TYR B 185 -18.33 -0.36 2.91
N VAL B 186 -19.52 -0.90 2.70
CA VAL B 186 -20.23 -1.79 3.63
C VAL B 186 -19.67 -3.21 3.63
N GLY B 187 -19.54 -3.79 2.44
CA GLY B 187 -18.78 -5.00 2.24
C GLY B 187 -19.39 -6.35 2.57
N CYS B 188 -20.43 -6.35 3.40
CA CYS B 188 -20.88 -7.62 3.98
C CYS B 188 -21.66 -8.51 3.02
N ASP B 189 -21.88 -8.03 1.80
CA ASP B 189 -22.52 -8.88 0.80
C ASP B 189 -21.53 -9.31 -0.29
N ALA B 190 -20.24 -9.17 0.00
CA ALA B 190 -19.22 -9.68 -0.91
C ALA B 190 -19.28 -11.21 -0.96
N PRO B 191 -18.95 -11.80 -2.12
CA PRO B 191 -18.53 -11.13 -3.36
C PRO B 191 -19.68 -10.45 -4.11
N TYR B 192 -19.37 -9.26 -4.64
CA TYR B 192 -20.28 -8.48 -5.45
C TYR B 192 -20.04 -8.80 -6.92
N ILE B 193 -21.00 -9.43 -7.57
CA ILE B 193 -20.76 -9.92 -8.92
C ILE B 193 -21.54 -9.10 -9.94
N CYS B 194 -20.82 -8.45 -10.84
CA CYS B 194 -21.43 -7.66 -11.90
C CYS B 194 -21.39 -8.46 -13.19
N LEU B 195 -22.55 -8.67 -13.80
CA LEU B 195 -22.63 -9.48 -15.00
C LEU B 195 -22.80 -8.63 -16.26
N TYR B 196 -21.98 -8.92 -17.27
CA TYR B 196 -22.07 -8.29 -18.58
C TYR B 196 -22.40 -9.36 -19.60
N LYS B 197 -23.41 -9.12 -20.42
CA LYS B 197 -23.84 -10.12 -21.38
C LYS B 197 -24.11 -9.50 -22.75
N ASN B 198 -23.72 -10.21 -23.81
CA ASN B 198 -23.93 -9.74 -25.18
C ASN B 198 -23.32 -8.36 -25.41
N VAL B 199 -22.05 -8.21 -25.00
CA VAL B 199 -21.35 -6.96 -25.26
C VAL B 199 -21.14 -6.85 -26.77
N ASN B 200 -21.54 -5.72 -27.34
CA ASN B 200 -21.41 -5.49 -28.77
C ASN B 200 -20.65 -4.22 -29.07
N VAL B 201 -19.82 -4.26 -30.09
CA VAL B 201 -19.00 -3.12 -30.50
C VAL B 201 -19.16 -2.90 -32.00
N PRO B 202 -18.77 -1.73 -32.51
CA PRO B 202 -18.92 -1.50 -33.94
C PRO B 202 -18.09 -2.47 -34.79
N VAL B 203 -18.61 -2.81 -35.97
CA VAL B 203 -17.90 -3.68 -36.90
C VAL B 203 -16.73 -2.93 -37.54
N GLY B 204 -16.97 -1.67 -37.90
CA GLY B 204 -16.05 -0.97 -38.76
C GLY B 204 -15.43 0.30 -38.22
N THR B 205 -15.20 0.38 -36.91
CA THR B 205 -14.54 1.57 -36.37
C THR B 205 -13.34 1.25 -35.49
N ALA B 206 -13.00 -0.04 -35.38
CA ALA B 206 -11.78 -0.42 -34.68
C ALA B 206 -10.58 0.21 -35.39
N VAL B 207 -9.63 0.72 -34.61
CA VAL B 207 -8.47 1.37 -35.18
C VAL B 207 -7.20 0.94 -34.45
#